data_8HLO
#
_entry.id   8HLO
#
_cell.length_a   45.181
_cell.length_b   45.181
_cell.length_c   59.391
_cell.angle_alpha   90.00
_cell.angle_beta   90.00
_cell.angle_gamma   120.00
#
_symmetry.space_group_name_H-M   'P 62'
#
loop_
_entity.id
_entity.type
_entity.pdbx_description
1 polymer 'Arf-GAP with SH3 domain, ANK repeat and PH domain-containing protein 1'
2 polymer 'Proline rich motif from MICAL1'
3 non-polymer 'SULFATE ION'
4 water water
#
loop_
_entity_poly.entity_id
_entity_poly.type
_entity_poly.pdbx_seq_one_letter_code
_entity_poly.pdbx_strand_id
1 'polypeptide(L)' GPGSEFVRRVKTIYDCQADNDDELTFIEGEVIIVTGEEDQEWWIGHIEGQPERKGVFPVSFVHILSD A
2 'polypeptide(L)' GPGSEPPPKPPRS C
#
loop_
_chem_comp.id
_chem_comp.type
_chem_comp.name
_chem_comp.formula
SO4 non-polymer 'SULFATE ION' 'O4 S -2'
#
# COMPACT_ATOMS: atom_id res chain seq x y z
N GLY A 1 -1.78 14.16 -4.35
CA GLY A 1 -1.51 12.73 -4.40
C GLY A 1 -0.14 12.47 -3.84
N PRO A 2 0.28 11.19 -3.87
CA PRO A 2 1.56 10.88 -3.24
C PRO A 2 2.72 11.57 -3.96
N GLY A 3 2.66 11.68 -5.28
CA GLY A 3 3.73 12.32 -6.02
C GLY A 3 3.91 13.76 -5.59
N SER A 4 2.80 14.49 -5.49
CA SER A 4 2.87 15.91 -5.15
C SER A 4 3.36 16.13 -3.73
N GLU A 5 3.21 15.12 -2.87
CA GLU A 5 3.68 15.19 -1.48
C GLU A 5 5.02 14.50 -1.26
N PHE A 6 5.69 14.19 -2.38
CA PHE A 6 7.07 13.70 -2.34
C PHE A 6 7.20 12.29 -1.76
N VAL A 7 6.13 11.52 -1.88
CA VAL A 7 6.15 10.13 -1.46
C VAL A 7 6.63 9.30 -2.62
N ARG A 8 7.75 8.61 -2.43
CA ARG A 8 8.30 7.75 -3.46
C ARG A 8 8.24 6.31 -3.00
N ARG A 9 8.66 6.08 -1.77
CA ARG A 9 8.73 4.76 -1.15
CA ARG A 9 8.60 4.75 -1.19
C ARG A 9 7.97 4.81 0.18
N VAL A 10 7.31 3.72 0.52
CA VAL A 10 6.68 3.58 1.83
C VAL A 10 6.97 2.18 2.35
N LYS A 11 6.80 2.00 3.66
CA LYS A 11 6.87 0.68 4.27
C LYS A 11 5.50 0.32 4.84
N THR A 12 5.08 -0.92 4.66
CA THR A 12 3.79 -1.36 5.16
C THR A 12 3.86 -1.57 6.67
N ILE A 13 2.77 -1.22 7.36
CA ILE A 13 2.75 -1.28 8.82
C ILE A 13 1.76 -2.31 9.37
N TYR A 14 0.96 -2.91 8.47
CA TYR A 14 0.05 -4.00 8.82
C TYR A 14 0.09 -5.06 7.74
N ASP A 15 -0.41 -6.25 8.08
CA ASP A 15 -0.72 -7.26 7.08
C ASP A 15 -1.99 -6.86 6.32
N CYS A 16 -2.12 -7.33 5.07
CA CYS A 16 -3.26 -6.94 4.24
C CYS A 16 -3.50 -7.96 3.12
N GLN A 17 -4.67 -8.58 3.12
CA GLN A 17 -5.12 -9.40 2.00
C GLN A 17 -6.06 -8.62 1.11
N ALA A 18 -5.82 -8.66 -0.19
CA ALA A 18 -6.72 -8.04 -1.16
C ALA A 18 -8.14 -8.54 -0.99
N ASP A 19 -9.09 -7.61 -1.08
CA ASP A 19 -10.52 -7.92 -1.12
C ASP A 19 -11.11 -7.76 -2.53
N ASN A 20 -10.35 -7.12 -3.41
CA ASN A 20 -10.76 -6.90 -4.80
C ASN A 20 -9.56 -7.15 -5.67
N ASP A 21 -9.79 -7.44 -6.94
CA ASP A 21 -8.74 -7.90 -7.83
C ASP A 21 -7.79 -6.79 -8.32
N ASP A 22 -7.93 -5.57 -7.82
CA ASP A 22 -6.97 -4.50 -8.09
C ASP A 22 -6.17 -4.11 -6.85
N GLU A 23 -6.30 -4.87 -5.76
CA GLU A 23 -5.65 -4.55 -4.48
C GLU A 23 -4.39 -5.36 -4.26
N LEU A 24 -3.38 -4.71 -3.70
CA LEU A 24 -2.13 -5.35 -3.32
C LEU A 24 -2.24 -6.09 -2.00
N THR A 25 -1.77 -7.33 -1.99
CA THR A 25 -1.60 -8.12 -0.78
C THR A 25 -0.17 -7.98 -0.27
N PHE A 26 -0.02 -7.82 1.05
CA PHE A 26 1.28 -7.67 1.65
C PHE A 26 1.28 -8.05 3.11
N ILE A 27 2.49 -8.26 3.64
CA ILE A 27 2.68 -8.39 5.08
C ILE A 27 3.32 -7.10 5.59
N GLU A 28 3.30 -6.93 6.90
CA GLU A 28 4.01 -5.84 7.50
C GLU A 28 5.50 -5.85 7.14
N GLY A 29 6.07 -4.66 6.97
CA GLY A 29 7.52 -4.53 6.82
C GLY A 29 8.04 -4.56 5.39
N GLU A 30 7.14 -4.56 4.41
CA GLU A 30 7.55 -4.57 3.01
C GLU A 30 7.65 -3.14 2.47
N VAL A 31 8.53 -2.94 1.50
CA VAL A 31 8.68 -1.66 0.86
C VAL A 31 7.88 -1.64 -0.44
N ILE A 32 7.09 -0.58 -0.59
CA ILE A 32 6.31 -0.31 -1.79
C ILE A 32 6.85 0.93 -2.48
N ILE A 33 7.00 0.82 -3.81
CA ILE A 33 7.28 1.95 -4.68
C ILE A 33 5.91 2.52 -5.07
N VAL A 34 5.65 3.76 -4.66
CA VAL A 34 4.33 4.35 -4.86
C VAL A 34 4.33 5.06 -6.21
N THR A 35 3.37 4.70 -7.06
CA THR A 35 3.36 5.14 -8.44
C THR A 35 2.08 5.86 -8.85
N GLY A 36 1.09 5.96 -7.97
CA GLY A 36 -0.11 6.70 -8.32
C GLY A 36 -1.10 6.76 -7.19
N GLU A 37 -2.23 7.38 -7.51
CA GLU A 37 -3.33 7.58 -6.57
C GLU A 37 -4.61 6.93 -7.10
N GLU A 38 -5.24 6.13 -6.24
CA GLU A 38 -6.57 5.54 -6.51
C GLU A 38 -7.69 6.51 -6.09
N ASP A 39 -7.62 7.00 -4.87
CA ASP A 39 -8.53 8.04 -4.38
C ASP A 39 -7.90 8.63 -3.12
N GLN A 40 -8.66 9.39 -2.34
CA GLN A 40 -8.07 10.05 -1.18
CA GLN A 40 -8.15 10.05 -1.16
C GLN A 40 -7.70 9.10 -0.04
N GLU A 41 -8.11 7.84 -0.10
CA GLU A 41 -7.80 6.85 0.93
C GLU A 41 -6.85 5.74 0.46
N TRP A 42 -6.63 5.64 -0.85
CA TRP A 42 -5.91 4.53 -1.45
C TRP A 42 -4.87 5.04 -2.44
N TRP A 43 -3.64 4.52 -2.32
CA TRP A 43 -2.58 4.77 -3.28
C TRP A 43 -2.38 3.52 -4.15
N ILE A 44 -1.47 3.62 -5.11
CA ILE A 44 -1.17 2.53 -6.04
C ILE A 44 0.35 2.35 -6.08
N GLY A 45 0.82 1.12 -6.14
CA GLY A 45 2.26 0.90 -6.21
C GLY A 45 2.58 -0.56 -6.41
N HIS A 46 3.87 -0.87 -6.30
CA HIS A 46 4.33 -2.25 -6.40
C HIS A 46 5.42 -2.50 -5.36
N ILE A 47 5.63 -3.76 -5.04
CA ILE A 47 6.65 -4.12 -4.08
C ILE A 47 8.03 -3.85 -4.70
N GLU A 48 8.88 -3.17 -3.95
CA GLU A 48 10.22 -2.87 -4.41
C GLU A 48 10.98 -4.16 -4.65
N GLY A 49 11.48 -4.31 -5.87
CA GLY A 49 12.22 -5.51 -6.25
C GLY A 49 11.36 -6.68 -6.67
N GLN A 50 10.04 -6.56 -6.56
CA GLN A 50 9.09 -7.58 -6.97
C GLN A 50 7.92 -6.92 -7.69
N PRO A 51 8.18 -6.33 -8.86
CA PRO A 51 7.17 -5.45 -9.45
C PRO A 51 5.91 -6.15 -9.93
N GLU A 52 5.91 -7.46 -10.03
CA GLU A 52 4.69 -8.19 -10.37
C GLU A 52 3.67 -8.18 -9.23
N ARG A 53 4.10 -7.87 -8.02
CA ARG A 53 3.21 -7.69 -6.89
C ARG A 53 2.82 -6.22 -6.84
N LYS A 54 1.61 -5.92 -7.31
CA LYS A 54 1.20 -4.54 -7.49
CA LYS A 54 1.21 -4.54 -7.52
C LYS A 54 -0.29 -4.36 -7.31
N GLY A 55 -0.69 -3.16 -6.93
CA GLY A 55 -2.09 -2.83 -6.85
C GLY A 55 -2.32 -1.64 -5.96
N VAL A 56 -3.59 -1.42 -5.65
CA VAL A 56 -3.96 -0.32 -4.77
C VAL A 56 -3.88 -0.77 -3.30
N PHE A 57 -3.61 0.18 -2.40
CA PHE A 57 -3.44 -0.16 -0.98
C PHE A 57 -3.84 1.07 -0.14
N PRO A 58 -4.20 0.85 1.14
CA PRO A 58 -4.65 1.98 1.95
C PRO A 58 -3.50 2.88 2.37
N VAL A 59 -3.70 4.19 2.25
CA VAL A 59 -2.74 5.16 2.72
C VAL A 59 -2.41 4.92 4.18
N SER A 60 -3.43 4.58 4.97
CA SER A 60 -3.25 4.43 6.41
C SER A 60 -2.51 3.14 6.78
N PHE A 61 -2.22 2.27 5.81
CA PHE A 61 -1.52 1.00 6.08
C PHE A 61 -0.01 1.09 5.80
N VAL A 62 0.50 2.29 5.53
CA VAL A 62 1.89 2.48 5.20
C VAL A 62 2.47 3.71 5.88
N HIS A 63 3.78 3.82 5.87
CA HIS A 63 4.47 5.01 6.35
C HIS A 63 5.60 5.37 5.38
N ILE A 64 5.65 6.65 5.02
CA ILE A 64 6.66 7.17 4.11
C ILE A 64 8.07 6.77 4.54
N LEU A 65 8.87 6.40 3.54
CA LEU A 65 10.27 6.02 3.70
CA LEU A 65 10.28 6.06 3.72
C LEU A 65 11.17 7.01 2.96
N SER A 66 12.23 7.47 3.60
CA SER A 66 13.12 8.44 2.95
C SER A 66 14.01 7.75 1.91
N ASP A 67 14.55 8.53 0.97
CA ASP A 67 15.43 7.99 -0.06
C ASP A 67 16.65 7.36 0.59
N GLY B 1 -7.51 -20.59 9.95
CA GLY B 1 -7.54 -19.13 10.02
C GLY B 1 -6.97 -18.55 11.30
N PRO B 2 -5.64 -18.66 11.49
CA PRO B 2 -4.85 -18.19 12.64
C PRO B 2 -4.22 -16.80 12.48
N GLY B 3 -4.41 -16.15 11.34
CA GLY B 3 -3.64 -14.95 11.00
C GLY B 3 -3.86 -13.74 11.90
N SER B 4 -3.01 -12.73 11.70
CA SER B 4 -3.08 -11.48 12.46
C SER B 4 -4.42 -10.78 12.22
N GLU B 5 -4.75 -9.85 13.09
CA GLU B 5 -5.99 -9.09 13.00
C GLU B 5 -5.67 -7.63 12.64
N PRO B 6 -5.60 -7.35 11.34
CA PRO B 6 -5.30 -5.96 10.99
C PRO B 6 -6.48 -5.04 11.24
N PRO B 7 -6.22 -3.74 11.24
CA PRO B 7 -7.30 -2.77 11.44
C PRO B 7 -8.27 -2.81 10.28
N PRO B 8 -9.47 -2.26 10.49
CA PRO B 8 -10.37 -2.06 9.36
C PRO B 8 -9.69 -1.25 8.28
N LYS B 9 -9.98 -1.59 7.03
CA LYS B 9 -9.52 -0.78 5.92
C LYS B 9 -10.53 0.29 5.59
N PRO B 10 -10.08 1.38 4.96
CA PRO B 10 -11.05 2.33 4.43
C PRO B 10 -11.89 1.66 3.36
N PRO B 11 -13.12 2.13 3.16
CA PRO B 11 -13.89 1.62 2.01
C PRO B 11 -13.25 2.02 0.68
N ARG B 12 -13.58 1.27 -0.35
CA ARG B 12 -13.25 1.62 -1.72
C ARG B 12 -14.28 2.63 -2.24
N SER B 13 -13.91 3.36 -3.28
CA SER B 13 -14.85 4.25 -3.94
C SER B 13 -15.12 3.73 -5.34
S SO4 C . 0.46 11.35 -7.98
O1 SO4 C . 1.11 10.21 -7.36
O2 SO4 C . 1.17 11.66 -9.23
O3 SO4 C . 0.51 12.51 -7.09
O4 SO4 C . -0.93 11.04 -8.29
#